data_1HJG
#
_entry.id   1HJG
#
_cell.length_a   107.100
_cell.length_b   107.100
_cell.length_c   70.858
_cell.angle_alpha   90.00
_cell.angle_beta   90.00
_cell.angle_gamma   120.00
#
_symmetry.space_group_name_H-M   'H 3'
#
loop_
_entity.id
_entity.type
_entity.pdbx_description
1 polymer 'DEACETOXYCEPHALOSPORIN C SYNTHASE'
2 non-polymer 'FE (II) ION'
3 non-polymer '3-METHYL-2-OXOBUTANOIC ACID'
4 water water
#
_entity_poly.entity_id   1
_entity_poly.type   'polypeptide(L)'
_entity_poly.pdbx_seq_one_letter_code
;MDTTVPTFSLAELQQGLHQDEFRRCLRDKGLFYLTDCGLTDTELKSAKDIVIDFFEHGSEAEKRAVTSPVPTMRRGFTGL
ESESTAQITNTGSYSDYSMCYSMGTADNLFPSGDFERIWTQYFDRQYTASRAVAREVLRATGTEPDGGVEAFLDCEPLLR
FRYFPQVPEHRSAEEQPLRMAPHYDLSMVTLIQQTPCANGFVSLQAEVGGAFTDLPYRPDAVLVFCGAIATLVTGGQVKA
PRHHVAAPRRDQIAGSSQTSSVFFLRPNADFTFSVPLARECGFDVSLDGETATFQDWIGGNYVNIRRTSKA
;
_entity_poly.pdbx_strand_id   A
#
# COMPACT_ATOMS: atom_id res chain seq x y z
N MET A 1 1.23 -15.66 -22.55
CA MET A 1 1.57 -14.46 -21.72
C MET A 1 2.65 -14.78 -20.69
N ASP A 2 3.66 -13.92 -20.62
CA ASP A 2 4.74 -14.10 -19.66
C ASP A 2 4.25 -13.73 -18.26
N THR A 3 4.41 -14.64 -17.31
CA THR A 3 3.97 -14.42 -15.94
C THR A 3 5.05 -13.82 -15.05
N THR A 4 6.00 -13.13 -15.66
CA THR A 4 7.07 -12.50 -14.90
C THR A 4 6.57 -11.20 -14.30
N VAL A 5 6.92 -10.95 -13.04
CA VAL A 5 6.52 -9.71 -12.38
C VAL A 5 7.54 -8.69 -12.90
N PRO A 6 7.07 -7.70 -13.67
CA PRO A 6 7.99 -6.69 -14.22
C PRO A 6 8.49 -5.64 -13.23
N THR A 7 9.45 -4.85 -13.69
CA THR A 7 10.03 -3.77 -12.91
C THR A 7 9.99 -2.52 -13.75
N PHE A 8 9.62 -1.40 -13.13
CA PHE A 8 9.57 -0.12 -13.81
C PHE A 8 10.31 0.93 -13.01
N SER A 9 11.06 1.77 -13.72
CA SER A 9 11.77 2.87 -13.08
C SER A 9 10.77 4.01 -13.04
N LEU A 10 10.54 4.56 -11.85
CA LEU A 10 9.60 5.67 -11.70
C LEU A 10 10.01 6.84 -12.58
N ALA A 11 11.32 7.13 -12.60
CA ALA A 11 11.84 8.23 -13.41
C ALA A 11 11.52 8.04 -14.88
N GLU A 12 11.71 6.82 -15.39
CA GLU A 12 11.45 6.55 -16.80
C GLU A 12 9.97 6.68 -17.11
N LEU A 13 9.11 6.29 -16.16
CA LEU A 13 7.66 6.39 -16.38
C LEU A 13 7.26 7.86 -16.48
N GLN A 14 7.81 8.68 -15.58
CA GLN A 14 7.52 10.10 -15.55
C GLN A 14 8.03 10.80 -16.81
N GLN A 15 8.88 10.10 -17.57
CA GLN A 15 9.44 10.65 -18.81
C GLN A 15 8.61 10.22 -20.00
N GLY A 16 7.55 9.45 -19.74
CA GLY A 16 6.68 8.99 -20.80
C GLY A 16 7.16 7.73 -21.51
N LEU A 17 8.05 6.99 -20.86
CA LEU A 17 8.59 5.77 -21.44
C LEU A 17 7.84 4.53 -20.97
N HIS A 18 7.88 3.48 -21.79
CA HIS A 18 7.25 2.19 -21.47
C HIS A 18 5.75 2.28 -21.20
N GLN A 19 5.07 3.26 -21.78
CA GLN A 19 3.64 3.42 -21.55
C GLN A 19 2.78 2.21 -21.92
N ASP A 20 3.01 1.62 -23.09
CA ASP A 20 2.22 0.46 -23.48
C ASP A 20 2.49 -0.70 -22.52
N GLU A 21 3.75 -0.91 -22.18
CA GLU A 21 4.11 -1.99 -21.28
C GLU A 21 3.53 -1.75 -19.88
N PHE A 22 3.50 -0.50 -19.45
CA PHE A 22 2.97 -0.17 -18.13
C PHE A 22 1.46 -0.43 -18.11
N ARG A 23 0.76 0.05 -19.13
CA ARG A 23 -0.69 -0.16 -19.21
C ARG A 23 -1.01 -1.66 -19.22
N ARG A 24 -0.21 -2.42 -19.95
CA ARG A 24 -0.42 -3.85 -20.06
C ARG A 24 -0.28 -4.49 -18.68
N CYS A 25 0.81 -4.14 -17.99
CA CYS A 25 1.08 -4.67 -16.66
C CYS A 25 -0.08 -4.37 -15.71
N LEU A 26 -0.53 -3.12 -15.70
CA LEU A 26 -1.62 -2.72 -14.83
C LEU A 26 -2.90 -3.51 -15.08
N ARG A 27 -3.19 -3.76 -16.36
CA ARG A 27 -4.39 -4.48 -16.75
C ARG A 27 -4.34 -5.99 -16.50
N ASP A 28 -3.23 -6.62 -16.92
CA ASP A 28 -3.08 -8.06 -16.79
C ASP A 28 -2.50 -8.62 -15.50
N LYS A 29 -1.74 -7.82 -14.76
CA LYS A 29 -1.11 -8.31 -13.53
C LYS A 29 -1.44 -7.49 -12.28
N GLY A 30 -1.39 -6.17 -12.40
CA GLY A 30 -1.70 -5.33 -11.25
C GLY A 30 -0.63 -5.26 -10.19
N LEU A 31 0.59 -5.68 -10.51
CA LEU A 31 1.70 -5.62 -9.56
C LEU A 31 3.00 -5.45 -10.32
N PHE A 32 4.02 -4.90 -9.66
CA PHE A 32 5.32 -4.68 -10.28
C PHE A 32 6.29 -4.10 -9.27
N TYR A 33 7.58 -4.23 -9.55
CA TYR A 33 8.59 -3.65 -8.67
C TYR A 33 8.84 -2.25 -9.21
N LEU A 34 9.19 -1.33 -8.32
CA LEU A 34 9.43 0.05 -8.70
C LEU A 34 10.82 0.51 -8.24
N THR A 35 11.63 0.96 -9.19
CA THR A 35 12.96 1.46 -8.88
C THR A 35 12.98 2.96 -9.07
N ASP A 36 14.11 3.58 -8.73
CA ASP A 36 14.26 5.03 -8.87
C ASP A 36 13.10 5.82 -8.31
N CYS A 37 12.67 5.48 -7.10
CA CYS A 37 11.55 6.18 -6.46
C CYS A 37 11.93 6.71 -5.09
N GLY A 38 13.24 6.76 -4.79
CA GLY A 38 13.69 7.27 -3.51
C GLY A 38 13.57 6.29 -2.36
N LEU A 39 13.33 5.02 -2.66
CA LEU A 39 13.19 4.00 -1.63
C LEU A 39 14.01 2.74 -1.91
N THR A 40 14.98 2.46 -1.04
CA THR A 40 15.82 1.27 -1.18
C THR A 40 16.13 0.74 0.21
N ASP A 41 16.94 -0.31 0.28
CA ASP A 41 17.31 -0.91 1.55
C ASP A 41 18.07 0.09 2.43
N THR A 42 18.61 1.13 1.79
CA THR A 42 19.35 2.16 2.50
C THR A 42 18.43 3.02 3.36
N GLU A 43 17.38 3.55 2.75
CA GLU A 43 16.43 4.39 3.46
C GLU A 43 15.57 3.60 4.44
N LEU A 44 15.72 2.28 4.43
CA LEU A 44 14.96 1.41 5.32
C LEU A 44 15.74 1.01 6.56
N LYS A 45 17.04 0.81 6.41
CA LYS A 45 17.91 0.41 7.50
C LYS A 45 17.70 1.20 8.78
N SER A 46 17.84 2.51 8.70
CA SER A 46 17.68 3.39 9.87
C SER A 46 16.38 3.15 10.62
N ALA A 47 15.26 3.19 9.90
CA ALA A 47 13.95 3.00 10.50
C ALA A 47 13.80 1.58 11.08
N LYS A 48 14.23 0.59 10.32
CA LYS A 48 14.15 -0.80 10.75
C LYS A 48 14.89 -1.03 12.06
N ASP A 49 16.18 -0.73 12.07
CA ASP A 49 17.00 -0.92 13.28
C ASP A 49 16.42 -0.29 14.53
N ILE A 50 16.01 0.96 14.44
CA ILE A 50 15.49 1.66 15.60
C ILE A 50 14.16 1.11 16.11
N VAL A 51 13.31 0.61 15.21
CA VAL A 51 12.04 0.05 15.64
C VAL A 51 12.27 -1.36 16.20
N ILE A 52 13.22 -2.07 15.61
CA ILE A 52 13.55 -3.41 16.07
C ILE A 52 14.09 -3.29 17.48
N ASP A 53 14.92 -2.27 17.68
CA ASP A 53 15.51 -2.00 19.00
C ASP A 53 14.40 -1.79 20.01
N PHE A 54 13.37 -1.07 19.59
CA PHE A 54 12.23 -0.79 20.45
C PHE A 54 11.47 -2.07 20.77
N PHE A 55 11.17 -2.85 19.74
CA PHE A 55 10.45 -4.11 19.91
C PHE A 55 11.17 -5.08 20.85
N GLU A 56 12.49 -5.09 20.78
CA GLU A 56 13.29 -6.00 21.58
C GLU A 56 13.76 -5.46 22.94
N HIS A 57 14.08 -4.18 23.01
CA HIS A 57 14.57 -3.61 24.25
C HIS A 57 13.66 -2.59 24.93
N GLY A 58 12.50 -2.34 24.34
CA GLY A 58 11.57 -1.39 24.94
C GLY A 58 10.88 -2.02 26.14
N SER A 59 10.71 -1.24 27.21
CA SER A 59 10.05 -1.74 28.41
C SER A 59 8.54 -1.68 28.23
N GLU A 60 7.81 -2.42 29.07
CA GLU A 60 6.36 -2.43 28.98
C GLU A 60 5.79 -1.03 29.19
N ALA A 61 6.49 -0.21 29.97
CA ALA A 61 6.05 1.15 30.25
C ALA A 61 6.20 2.02 29.00
N GLU A 62 7.36 1.92 28.36
CA GLU A 62 7.65 2.70 27.15
C GLU A 62 6.70 2.31 26.02
N LYS A 63 6.38 1.02 25.93
CA LYS A 63 5.48 0.54 24.90
C LYS A 63 4.06 1.01 25.17
N ARG A 64 3.72 1.09 26.47
CA ARG A 64 2.40 1.52 26.90
C ARG A 64 2.15 2.98 26.49
N ALA A 65 3.17 3.81 26.65
CA ALA A 65 3.08 5.23 26.32
C ALA A 65 2.81 5.49 24.84
N VAL A 66 3.09 4.52 23.99
CA VAL A 66 2.85 4.69 22.57
C VAL A 66 1.86 3.66 22.04
N THR A 67 0.97 3.23 22.91
CA THR A 67 -0.05 2.25 22.54
C THR A 67 -1.43 2.93 22.65
N SER A 68 -2.23 2.82 21.59
CA SER A 68 -3.56 3.42 21.57
C SER A 68 -4.48 2.70 22.54
N PRO A 69 -5.50 3.41 23.07
CA PRO A 69 -6.44 2.80 24.00
C PRO A 69 -7.31 1.69 23.37
N VAL A 70 -7.46 1.71 22.05
CA VAL A 70 -8.18 0.66 21.33
C VAL A 70 -7.12 0.03 20.44
N PRO A 71 -7.02 -1.31 20.44
CA PRO A 71 -6.04 -2.07 19.65
C PRO A 71 -6.35 -2.17 18.16
N THR A 72 -6.36 -1.03 17.49
CA THR A 72 -6.69 -0.98 16.07
C THR A 72 -5.52 -1.04 15.09
N MET A 73 -4.30 -0.88 15.60
CA MET A 73 -3.11 -0.90 14.73
C MET A 73 -3.13 0.28 13.76
N ARG A 74 -3.70 1.40 14.19
CA ARG A 74 -3.74 2.59 13.34
C ARG A 74 -2.53 3.45 13.64
N ARG A 75 -2.20 3.57 14.92
CA ARG A 75 -1.06 4.38 15.34
C ARG A 75 -0.32 3.72 16.51
N GLY A 76 0.98 3.93 16.55
CA GLY A 76 1.79 3.39 17.63
C GLY A 76 2.09 1.89 17.61
N PHE A 77 2.35 1.36 18.79
CA PHE A 77 2.70 -0.03 19.00
C PHE A 77 1.51 -0.97 19.15
N THR A 78 1.64 -2.17 18.60
CA THR A 78 0.60 -3.19 18.70
C THR A 78 1.23 -4.57 18.81
N GLY A 79 0.67 -5.39 19.71
CA GLY A 79 1.18 -6.74 19.88
C GLY A 79 0.16 -7.73 19.35
N LEU A 80 0.29 -8.11 18.09
CA LEU A 80 -0.63 -9.05 17.45
C LEU A 80 -0.08 -10.48 17.57
N SER A 98 4.18 -11.72 17.28
CA SER A 98 4.61 -10.66 16.32
C SER A 98 4.20 -9.28 16.82
N MET A 99 5.00 -8.28 16.46
CA MET A 99 4.72 -6.91 16.88
C MET A 99 4.56 -6.00 15.66
N CYS A 100 3.92 -4.84 15.88
CA CYS A 100 3.69 -3.92 14.78
C CYS A 100 3.77 -2.47 15.24
N TYR A 101 4.19 -1.60 14.32
CA TYR A 101 4.27 -0.17 14.59
C TYR A 101 3.59 0.51 13.41
N SER A 102 2.63 1.40 13.70
CA SER A 102 1.88 2.07 12.64
C SER A 102 1.93 3.59 12.74
N MET A 103 1.79 4.26 11.59
CA MET A 103 1.77 5.72 11.60
C MET A 103 1.05 6.29 10.37
N GLY A 104 0.73 7.58 10.45
CA GLY A 104 0.03 8.25 9.37
C GLY A 104 0.55 9.67 9.23
N THR A 105 -0.23 10.54 8.61
CA THR A 105 0.18 11.93 8.41
C THR A 105 0.11 12.76 9.69
N ALA A 106 -0.70 12.34 10.64
CA ALA A 106 -0.85 13.05 11.91
C ALA A 106 -1.34 12.12 13.02
N ASP A 107 -1.39 12.64 14.24
CA ASP A 107 -1.83 11.88 15.41
C ASP A 107 -0.96 10.65 15.65
N ASN A 108 0.35 10.81 15.49
CA ASN A 108 1.27 9.71 15.69
C ASN A 108 1.78 9.57 17.13
N LEU A 109 2.33 8.40 17.44
CA LEU A 109 2.86 8.12 18.77
C LEU A 109 4.31 7.65 18.61
N PHE A 110 5.25 8.48 19.04
CA PHE A 110 6.68 8.17 18.93
C PHE A 110 7.31 7.98 20.30
N PRO A 111 8.15 6.93 20.45
CA PRO A 111 8.80 6.67 21.74
C PRO A 111 9.98 7.58 22.07
N SER A 112 10.64 8.15 21.06
CA SER A 112 11.77 9.03 21.31
C SER A 112 11.97 10.04 20.19
N GLY A 113 12.76 11.08 20.46
CA GLY A 113 13.01 12.10 19.47
C GLY A 113 13.74 11.54 18.27
N ASP A 114 14.71 10.67 18.53
CA ASP A 114 15.48 10.04 17.46
C ASP A 114 14.55 9.21 16.59
N PHE A 115 13.67 8.45 17.26
CA PHE A 115 12.71 7.60 16.56
C PHE A 115 11.81 8.43 15.66
N GLU A 116 11.26 9.51 16.20
CA GLU A 116 10.37 10.37 15.43
C GLU A 116 11.03 10.94 14.18
N ARG A 117 12.25 11.46 14.32
CA ARG A 117 12.97 12.03 13.18
C ARG A 117 13.18 10.98 12.09
N ILE A 118 13.65 9.81 12.50
CA ILE A 118 13.91 8.72 11.55
C ILE A 118 12.64 8.23 10.86
N TRP A 119 11.57 8.01 11.63
CA TRP A 119 10.35 7.52 11.03
C TRP A 119 9.51 8.54 10.26
N THR A 120 9.61 9.81 10.65
CA THR A 120 8.87 10.85 9.94
C THR A 120 9.47 10.97 8.53
N GLN A 121 10.79 10.89 8.43
CA GLN A 121 11.44 10.98 7.13
C GLN A 121 11.12 9.76 6.28
N TYR A 122 11.11 8.59 6.90
CA TYR A 122 10.81 7.33 6.23
C TYR A 122 9.38 7.34 5.71
N PHE A 123 8.45 7.81 6.54
CA PHE A 123 7.04 7.89 6.15
C PHE A 123 6.88 8.84 4.96
N ASP A 124 7.53 10.00 5.04
CA ASP A 124 7.44 10.98 3.97
C ASP A 124 7.92 10.41 2.64
N ARG A 125 9.01 9.64 2.67
CA ARG A 125 9.53 9.06 1.44
C ARG A 125 8.55 8.03 0.89
N GLN A 126 7.92 7.27 1.77
CA GLN A 126 6.94 6.27 1.35
C GLN A 126 5.71 6.93 0.75
N TYR A 127 5.22 7.99 1.41
CA TYR A 127 4.03 8.71 0.95
C TYR A 127 4.33 9.38 -0.40
N THR A 128 5.50 10.00 -0.53
CA THR A 128 5.87 10.64 -1.79
C THR A 128 5.93 9.63 -2.94
N ALA A 129 6.57 8.49 -2.70
CA ALA A 129 6.69 7.46 -3.73
C ALA A 129 5.33 6.89 -4.11
N SER A 130 4.47 6.67 -3.11
CA SER A 130 3.15 6.13 -3.35
C SER A 130 2.32 7.09 -4.20
N ARG A 131 2.33 8.37 -3.85
CA ARG A 131 1.56 9.33 -4.63
C ARG A 131 2.12 9.42 -6.05
N ALA A 132 3.45 9.37 -6.19
CA ALA A 132 4.06 9.46 -7.51
C ALA A 132 3.68 8.30 -8.44
N VAL A 133 3.74 7.07 -7.93
CA VAL A 133 3.38 5.95 -8.79
C VAL A 133 1.88 5.93 -9.06
N ALA A 134 1.08 6.36 -8.09
CA ALA A 134 -0.37 6.39 -8.31
C ALA A 134 -0.66 7.44 -9.39
N ARG A 135 0.11 8.52 -9.38
CA ARG A 135 -0.04 9.58 -10.36
C ARG A 135 0.22 9.01 -11.76
N GLU A 136 1.20 8.12 -11.86
CA GLU A 136 1.51 7.50 -13.14
C GLU A 136 0.44 6.50 -13.55
N VAL A 137 -0.15 5.80 -12.57
CA VAL A 137 -1.20 4.84 -12.87
C VAL A 137 -2.39 5.59 -13.47
N LEU A 138 -2.69 6.76 -12.90
CA LEU A 138 -3.80 7.57 -13.38
C LEU A 138 -3.51 8.12 -14.77
N ARG A 139 -2.29 8.59 -14.98
CA ARG A 139 -1.93 9.16 -16.28
C ARG A 139 -1.91 8.10 -17.39
N ALA A 140 -1.36 6.93 -17.11
CA ALA A 140 -1.29 5.88 -18.12
C ALA A 140 -2.66 5.37 -18.56
N THR A 141 -3.67 5.56 -17.71
CA THR A 141 -5.02 5.11 -18.01
C THR A 141 -5.96 6.25 -18.38
N GLY A 142 -5.40 7.45 -18.53
CA GLY A 142 -6.18 8.62 -18.89
C GLY A 142 -7.29 8.91 -17.90
N THR A 143 -7.00 8.67 -16.63
CA THR A 143 -7.97 8.86 -15.56
C THR A 143 -7.90 10.18 -14.79
N GLU A 144 -9.02 10.88 -14.75
CA GLU A 144 -9.15 12.14 -14.03
C GLU A 144 -10.20 11.88 -12.94
N PRO A 145 -9.77 11.64 -11.69
CA PRO A 145 -10.73 11.38 -10.62
C PRO A 145 -11.70 12.54 -10.45
N ASP A 146 -12.90 12.25 -9.96
CA ASP A 146 -13.87 13.29 -9.70
C ASP A 146 -13.23 14.19 -8.64
N GLY A 147 -13.12 15.47 -8.94
CA GLY A 147 -12.52 16.39 -7.99
C GLY A 147 -11.05 16.69 -8.27
N GLY A 148 -10.49 15.98 -9.26
CA GLY A 148 -9.10 16.21 -9.63
C GLY A 148 -8.07 15.24 -9.06
N VAL A 149 -6.94 15.14 -9.74
CA VAL A 149 -5.86 14.24 -9.33
C VAL A 149 -5.22 14.59 -7.98
N GLU A 150 -4.82 15.83 -7.78
CA GLU A 150 -4.15 16.16 -6.53
C GLU A 150 -5.03 16.02 -5.28
N ALA A 151 -6.32 16.37 -5.39
CA ALA A 151 -7.22 16.22 -4.25
C ALA A 151 -7.40 14.73 -3.93
N PHE A 152 -7.38 13.90 -4.97
CA PHE A 152 -7.53 12.46 -4.80
C PHE A 152 -6.31 11.86 -4.08
N LEU A 153 -5.11 12.35 -4.42
CA LEU A 153 -3.87 11.86 -3.85
C LEU A 153 -3.50 12.42 -2.47
N ASP A 154 -4.09 13.54 -2.08
CA ASP A 154 -3.85 14.13 -0.76
C ASP A 154 -4.92 13.39 0.03
N CYS A 155 -4.56 12.21 0.50
CA CYS A 155 -5.52 11.33 1.16
C CYS A 155 -5.28 10.87 2.60
N GLU A 156 -5.61 9.60 2.85
CA GLU A 156 -5.49 9.01 4.19
C GLU A 156 -4.61 7.75 4.25
N PRO A 157 -3.30 7.92 4.04
CA PRO A 157 -2.36 6.79 4.07
C PRO A 157 -2.18 6.14 5.43
N LEU A 158 -1.75 4.88 5.42
CA LEU A 158 -1.49 4.12 6.64
C LEU A 158 -0.22 3.30 6.44
N LEU A 159 0.77 3.49 7.31
CA LEU A 159 2.01 2.73 7.24
C LEU A 159 2.07 1.76 8.41
N ARG A 160 2.34 0.48 8.12
CA ARG A 160 2.44 -0.55 9.14
C ARG A 160 3.73 -1.35 9.00
N PHE A 161 4.52 -1.38 10.06
CA PHE A 161 5.77 -2.13 10.06
C PHE A 161 5.58 -3.31 11.00
N ARG A 162 5.72 -4.52 10.46
CA ARG A 162 5.54 -5.72 11.25
C ARG A 162 6.85 -6.49 11.45
N TYR A 163 7.01 -7.04 12.65
CA TYR A 163 8.21 -7.79 13.03
C TYR A 163 7.82 -9.20 13.43
N PHE A 164 8.23 -10.18 12.62
CA PHE A 164 7.91 -11.58 12.90
C PHE A 164 9.16 -12.35 13.34
N PRO A 165 9.61 -12.15 14.58
CA PRO A 165 10.80 -12.86 15.06
C PRO A 165 10.60 -14.37 15.15
N LEU A 178 -0.84 -21.07 6.12
CA LEU A 178 -0.44 -19.71 5.68
C LEU A 178 -0.32 -18.75 6.86
N ARG A 179 0.52 -17.74 6.72
CA ARG A 179 0.72 -16.77 7.78
C ARG A 179 -0.23 -15.59 7.55
N MET A 180 -0.93 -15.64 6.41
CA MET A 180 -1.91 -14.63 6.03
C MET A 180 -2.73 -15.15 4.87
N ALA A 181 -4.03 -15.30 5.08
CA ALA A 181 -4.95 -15.80 4.07
C ALA A 181 -4.98 -14.97 2.80
N PRO A 182 -5.34 -15.60 1.67
CA PRO A 182 -5.42 -14.95 0.36
C PRO A 182 -6.41 -13.79 0.40
N HIS A 183 -6.01 -12.65 -0.16
CA HIS A 183 -6.88 -11.47 -0.16
C HIS A 183 -6.36 -10.47 -1.18
N TYR A 184 -7.16 -9.43 -1.42
CA TYR A 184 -6.73 -8.35 -2.30
C TYR A 184 -6.82 -7.08 -1.45
N ASP A 185 -6.07 -6.05 -1.82
CA ASP A 185 -6.06 -4.79 -1.08
C ASP A 185 -7.15 -3.83 -1.56
N LEU A 186 -7.68 -3.03 -0.64
CA LEU A 186 -8.72 -2.05 -0.99
C LEU A 186 -8.14 -0.64 -1.11
N SER A 187 -6.81 -0.58 -1.22
CA SER A 187 -6.08 0.68 -1.38
C SER A 187 -6.08 1.11 -2.85
N MET A 188 -5.46 2.27 -3.10
CA MET A 188 -5.28 2.78 -4.47
C MET A 188 -4.08 1.92 -4.89
N VAL A 189 -2.99 2.03 -4.14
CA VAL A 189 -1.79 1.23 -4.33
C VAL A 189 -1.22 0.95 -2.95
N THR A 190 -0.45 -0.14 -2.84
CA THR A 190 0.18 -0.53 -1.59
C THR A 190 1.66 -0.73 -1.92
N LEU A 191 2.54 -0.13 -1.13
CA LEU A 191 3.98 -0.28 -1.34
C LEU A 191 4.54 -1.17 -0.23
N ILE A 192 5.36 -2.15 -0.60
CA ILE A 192 5.93 -3.10 0.35
C ILE A 192 7.45 -3.24 0.21
N GLN A 193 8.16 -3.24 1.33
CA GLN A 193 9.61 -3.38 1.28
C GLN A 193 10.15 -4.73 1.78
N GLN A 194 9.67 -5.17 2.94
CA GLN A 194 10.12 -6.44 3.52
C GLN A 194 11.63 -6.60 3.60
N THR A 195 12.07 -7.77 4.07
CA THR A 195 13.48 -8.08 4.21
C THR A 195 13.76 -9.53 3.82
N PHE A 201 14.11 -18.13 1.89
CA PHE A 201 12.65 -18.46 1.83
C PHE A 201 11.83 -17.24 1.41
N VAL A 202 10.93 -17.44 0.46
CA VAL A 202 10.06 -16.38 -0.04
C VAL A 202 8.63 -16.64 0.40
N SER A 203 8.20 -15.91 1.43
CA SER A 203 6.86 -16.06 1.98
C SER A 203 5.76 -15.36 1.19
N LEU A 204 6.05 -14.16 0.69
CA LEU A 204 5.05 -13.40 -0.06
C LEU A 204 4.83 -13.98 -1.46
N GLN A 205 3.56 -14.23 -1.78
CA GLN A 205 3.18 -14.77 -3.09
C GLN A 205 1.93 -14.07 -3.62
N ALA A 206 1.85 -13.92 -4.94
CA ALA A 206 0.71 -13.28 -5.57
C ALA A 206 0.26 -14.06 -6.79
N GLU A 207 -1.02 -13.97 -7.12
CA GLU A 207 -1.55 -14.67 -8.29
C GLU A 207 -1.13 -13.93 -9.56
N VAL A 208 -0.41 -14.64 -10.43
CA VAL A 208 0.03 -14.08 -11.70
C VAL A 208 -0.16 -15.13 -12.78
N GLY A 209 -0.91 -14.79 -13.81
CA GLY A 209 -1.14 -15.73 -14.90
C GLY A 209 -1.97 -16.93 -14.47
N GLY A 210 -2.53 -16.87 -13.27
CA GLY A 210 -3.35 -17.96 -12.78
C GLY A 210 -2.61 -18.88 -11.83
N ALA A 211 -1.46 -18.44 -11.35
CA ALA A 211 -0.66 -19.25 -10.44
C ALA A 211 0.07 -18.34 -9.45
N PHE A 212 0.32 -18.86 -8.25
CA PHE A 212 1.01 -18.08 -7.24
C PHE A 212 2.50 -17.96 -7.54
N THR A 213 2.94 -16.73 -7.72
CA THR A 213 4.34 -16.44 -8.02
C THR A 213 5.01 -15.81 -6.79
N ASP A 214 6.24 -16.23 -6.51
CA ASP A 214 6.96 -15.68 -5.37
C ASP A 214 7.36 -14.24 -5.61
N LEU A 215 7.39 -13.46 -4.55
CA LEU A 215 7.75 -12.05 -4.63
C LEU A 215 8.90 -11.78 -3.67
N PRO A 216 10.14 -12.07 -4.10
CA PRO A 216 11.33 -11.85 -3.29
C PRO A 216 11.65 -10.37 -3.11
N TYR A 217 12.45 -10.04 -2.11
CA TYR A 217 12.80 -8.65 -1.88
C TYR A 217 13.83 -8.18 -2.90
N ARG A 218 13.78 -6.89 -3.21
CA ARG A 218 14.70 -6.25 -4.14
C ARG A 218 15.31 -5.10 -3.34
N PRO A 219 16.58 -5.24 -2.91
CA PRO A 219 17.24 -4.19 -2.14
C PRO A 219 17.19 -2.82 -2.83
N ASP A 220 17.02 -2.84 -4.14
CA ASP A 220 16.99 -1.62 -4.94
C ASP A 220 15.61 -1.18 -5.38
N ALA A 221 14.57 -1.86 -4.92
CA ALA A 221 13.22 -1.50 -5.34
C ALA A 221 12.16 -1.79 -4.30
N VAL A 222 10.96 -1.24 -4.54
CA VAL A 222 9.84 -1.47 -3.65
C VAL A 222 8.81 -2.23 -4.46
N LEU A 223 8.10 -3.14 -3.81
CA LEU A 223 7.06 -3.92 -4.47
C LEU A 223 5.75 -3.14 -4.43
N VAL A 224 5.07 -3.06 -5.56
CA VAL A 224 3.80 -2.33 -5.64
C VAL A 224 2.62 -3.22 -5.99
N PHE A 225 1.60 -3.24 -5.13
CA PHE A 225 0.38 -4.00 -5.41
C PHE A 225 -0.69 -2.97 -5.70
N CYS A 226 -1.44 -3.15 -6.78
CA CYS A 226 -2.53 -2.23 -7.08
C CYS A 226 -3.71 -2.73 -6.27
N GLY A 227 -4.52 -1.81 -5.76
CA GLY A 227 -5.68 -2.21 -4.96
C GLY A 227 -7.00 -1.95 -5.66
N ALA A 228 -8.10 -2.33 -5.01
CA ALA A 228 -9.43 -2.16 -5.61
C ALA A 228 -9.79 -0.73 -5.97
N ILE A 229 -9.23 0.24 -5.27
CA ILE A 229 -9.54 1.63 -5.60
C ILE A 229 -8.92 2.03 -6.95
N ALA A 230 -7.79 1.42 -7.30
CA ALA A 230 -7.19 1.70 -8.60
C ALA A 230 -8.12 1.13 -9.66
N THR A 231 -8.67 -0.06 -9.39
CA THR A 231 -9.60 -0.68 -10.32
C THR A 231 -10.81 0.23 -10.47
N LEU A 232 -11.35 0.66 -9.34
CA LEU A 232 -12.53 1.50 -9.34
C LEU A 232 -12.36 2.84 -10.03
N VAL A 233 -11.36 3.62 -9.61
CA VAL A 233 -11.19 4.94 -10.20
C VAL A 233 -10.86 4.95 -11.69
N THR A 234 -10.16 3.91 -12.19
CA THR A 234 -9.80 3.86 -13.60
C THR A 234 -10.85 3.18 -14.48
N GLY A 235 -11.99 2.85 -13.91
CA GLY A 235 -13.02 2.21 -14.71
C GLY A 235 -12.69 0.78 -15.12
N GLY A 236 -11.91 0.08 -14.31
CA GLY A 236 -11.58 -1.30 -14.62
C GLY A 236 -10.32 -1.54 -15.44
N GLN A 237 -9.48 -0.52 -15.59
CA GLN A 237 -8.25 -0.64 -16.37
C GLN A 237 -7.09 -1.21 -15.58
N VAL A 238 -7.31 -1.41 -14.29
CA VAL A 238 -6.28 -1.92 -13.40
C VAL A 238 -6.75 -3.10 -12.58
N LYS A 239 -5.92 -4.15 -12.55
CA LYS A 239 -6.22 -5.35 -11.79
C LYS A 239 -5.72 -5.24 -10.35
N ALA A 240 -6.50 -5.77 -9.41
CA ALA A 240 -6.16 -5.80 -8.00
C ALA A 240 -5.87 -7.27 -7.72
N PRO A 241 -4.59 -7.68 -7.77
CA PRO A 241 -4.21 -9.07 -7.55
C PRO A 241 -4.33 -9.64 -6.14
N ARG A 242 -4.74 -10.90 -6.07
CA ARG A 242 -4.85 -11.60 -4.80
C ARG A 242 -3.45 -12.03 -4.39
N HIS A 243 -3.19 -12.09 -3.09
CA HIS A 243 -1.90 -12.48 -2.59
C HIS A 243 -2.01 -12.97 -1.16
N HIS A 244 -0.94 -13.61 -0.67
CA HIS A 244 -0.92 -14.12 0.69
C HIS A 244 0.50 -14.32 1.18
N VAL A 245 0.65 -14.69 2.44
CA VAL A 245 1.96 -14.91 3.03
C VAL A 245 2.05 -16.34 3.56
N ALA A 246 2.99 -17.11 3.01
CA ALA A 246 3.19 -18.49 3.43
C ALA A 246 4.13 -18.53 4.63
N ALA A 247 4.03 -19.60 5.43
CA ALA A 247 4.86 -19.75 6.60
C ALA A 247 5.96 -20.78 6.37
N SER A 257 10.92 -15.96 9.85
CA SER A 257 11.20 -14.77 10.70
C SER A 257 11.76 -13.64 9.86
N GLN A 258 10.97 -12.57 9.72
CA GLN A 258 11.39 -11.41 8.94
C GLN A 258 10.52 -10.20 9.26
N THR A 259 10.86 -9.07 8.65
CA THR A 259 10.11 -7.83 8.86
C THR A 259 9.56 -7.35 7.52
N SER A 260 8.45 -6.61 7.59
CA SER A 260 7.83 -6.09 6.38
C SER A 260 7.26 -4.71 6.63
N SER A 261 7.42 -3.82 5.65
CA SER A 261 6.90 -2.47 5.73
C SER A 261 5.81 -2.35 4.67
N VAL A 262 4.58 -2.13 5.13
CA VAL A 262 3.44 -2.03 4.22
C VAL A 262 2.80 -0.64 4.27
N PHE A 263 2.79 0.05 3.13
CA PHE A 263 2.21 1.38 3.04
C PHE A 263 0.96 1.40 2.16
N PHE A 264 -0.19 1.68 2.78
CA PHE A 264 -1.46 1.74 2.06
C PHE A 264 -1.80 3.17 1.67
N LEU A 265 -1.93 3.45 0.36
CA LEU A 265 -2.35 4.78 -0.08
C LEU A 265 -3.87 4.61 -0.20
N ARG A 266 -4.61 5.20 0.73
CA ARG A 266 -6.07 5.06 0.79
C ARG A 266 -6.80 6.37 0.51
N PRO A 267 -7.91 6.32 -0.24
CA PRO A 267 -8.66 7.52 -0.58
C PRO A 267 -9.38 8.17 0.60
N ASN A 268 -9.75 9.44 0.42
CA ASN A 268 -10.50 10.18 1.41
C ASN A 268 -11.92 9.62 1.43
N ALA A 269 -12.61 9.80 2.56
CA ALA A 269 -13.98 9.31 2.71
C ALA A 269 -14.92 9.87 1.65
N ASP A 270 -14.68 11.10 1.23
CA ASP A 270 -15.53 11.73 0.23
C ASP A 270 -15.16 11.49 -1.22
N PHE A 271 -14.21 10.60 -1.49
CA PHE A 271 -13.84 10.26 -2.87
C PHE A 271 -15.13 9.79 -3.54
N THR A 272 -15.46 10.39 -4.68
CA THR A 272 -16.69 10.08 -5.38
C THR A 272 -16.50 9.35 -6.70
N PHE A 273 -17.39 8.41 -6.97
CA PHE A 273 -17.31 7.62 -8.20
C PHE A 273 -18.68 7.29 -8.79
N SER A 274 -18.67 6.79 -10.03
CA SER A 274 -19.89 6.41 -10.72
C SER A 274 -20.34 5.00 -10.34
N VAL A 275 -21.59 4.89 -9.88
CA VAL A 275 -22.13 3.59 -9.48
C VAL A 275 -22.28 2.65 -10.68
N PRO A 276 -22.84 3.13 -11.81
CA PRO A 276 -22.96 2.23 -12.95
C PRO A 276 -21.59 1.74 -13.41
N LEU A 277 -20.59 2.62 -13.41
CA LEU A 277 -19.26 2.22 -13.83
C LEU A 277 -18.68 1.16 -12.90
N ALA A 278 -18.90 1.32 -11.59
CA ALA A 278 -18.39 0.36 -10.61
C ALA A 278 -18.97 -1.01 -10.92
N ARG A 279 -20.27 -1.07 -11.21
CA ARG A 279 -20.91 -2.34 -11.53
C ARG A 279 -20.26 -2.96 -12.76
N GLU A 280 -19.89 -2.12 -13.73
CA GLU A 280 -19.27 -2.59 -14.97
C GLU A 280 -17.94 -3.32 -14.83
N CYS A 281 -17.19 -3.06 -13.76
CA CYS A 281 -15.92 -3.74 -13.61
C CYS A 281 -15.82 -4.76 -12.48
N GLY A 282 -16.96 -5.24 -12.01
CA GLY A 282 -16.95 -6.27 -10.98
C GLY A 282 -17.39 -5.95 -9.57
N PHE A 283 -17.62 -4.68 -9.24
CA PHE A 283 -18.02 -4.35 -7.89
C PHE A 283 -19.49 -4.65 -7.65
N ASP A 284 -19.74 -5.53 -6.68
CA ASP A 284 -21.10 -5.95 -6.35
C ASP A 284 -21.73 -4.94 -5.40
N VAL A 285 -21.85 -3.70 -5.85
CA VAL A 285 -22.40 -2.63 -5.03
C VAL A 285 -23.90 -2.66 -4.82
N SER A 286 -24.31 -2.21 -3.64
CA SER A 286 -25.72 -2.12 -3.25
C SER A 286 -25.90 -0.64 -2.92
N LEU A 287 -25.77 0.19 -3.95
CA LEU A 287 -25.85 1.64 -3.83
C LEU A 287 -26.96 2.21 -4.71
N ASP A 288 -27.90 2.92 -4.10
CA ASP A 288 -28.98 3.53 -4.85
C ASP A 288 -28.44 4.83 -5.45
N GLY A 289 -28.91 5.19 -6.64
CA GLY A 289 -28.44 6.42 -7.24
C GLY A 289 -27.31 6.25 -8.24
N GLU A 290 -26.88 7.35 -8.84
CA GLU A 290 -25.83 7.33 -9.86
C GLU A 290 -24.40 7.55 -9.39
N THR A 291 -24.22 8.24 -8.26
CA THR A 291 -22.88 8.47 -7.72
C THR A 291 -22.83 8.10 -6.25
N ALA A 292 -21.63 7.77 -5.76
CA ALA A 292 -21.45 7.39 -4.37
C ALA A 292 -20.05 7.73 -3.91
N THR A 293 -19.85 7.74 -2.60
CA THR A 293 -18.55 8.03 -2.02
C THR A 293 -17.92 6.77 -1.46
N PHE A 294 -16.63 6.85 -1.17
CA PHE A 294 -15.90 5.74 -0.58
C PHE A 294 -16.61 5.34 0.72
N GLN A 295 -16.99 6.34 1.52
CA GLN A 295 -17.70 6.08 2.77
C GLN A 295 -19.03 5.35 2.52
N ASP A 296 -19.76 5.73 1.49
CA ASP A 296 -21.03 5.06 1.17
C ASP A 296 -20.77 3.58 0.88
N TRP A 297 -19.68 3.31 0.16
CA TRP A 297 -19.35 1.95 -0.23
C TRP A 297 -18.81 1.06 0.89
N ILE A 298 -17.74 1.51 1.53
CA ILE A 298 -17.08 0.74 2.58
C ILE A 298 -17.63 0.90 3.99
N GLY A 299 -18.24 2.04 4.28
CA GLY A 299 -18.77 2.26 5.62
C GLY A 299 -17.98 3.33 6.37
N GLY A 300 -18.20 3.40 7.68
CA GLY A 300 -17.56 4.39 8.51
C GLY A 300 -16.18 4.09 9.09
N ASN A 301 -15.66 2.90 8.80
CA ASN A 301 -14.34 2.52 9.25
C ASN A 301 -13.52 1.99 8.06
N TYR A 302 -12.27 2.42 7.94
CA TYR A 302 -11.45 1.93 6.84
C TYR A 302 -11.31 0.41 6.91
N VAL A 303 -11.36 -0.22 5.74
CA VAL A 303 -11.16 -1.67 5.61
C VAL A 303 -10.02 -1.74 4.60
N ASN A 304 -8.91 -2.36 5.00
CA ASN A 304 -7.73 -2.42 4.14
C ASN A 304 -7.63 -3.60 3.18
N ILE A 305 -8.20 -4.73 3.57
CA ILE A 305 -8.13 -5.92 2.72
C ILE A 305 -9.48 -6.62 2.62
N ARG A 306 -9.61 -7.50 1.64
CA ARG A 306 -10.84 -8.23 1.46
C ARG A 306 -10.56 -9.61 0.88
N ARG A 307 -11.23 -10.63 1.40
CA ARG A 307 -11.03 -11.99 0.92
C ARG A 307 -12.08 -12.38 -0.11
#